data_2FK7
#
_entry.id   2FK7
#
_cell.length_a   56.715
_cell.length_b   56.715
_cell.length_c   206.220
_cell.angle_alpha   90.00
_cell.angle_beta   90.00
_cell.angle_gamma   120.00
#
_symmetry.space_group_name_H-M   'P 31 2 1'
#
loop_
_entity.id
_entity.type
_entity.pdbx_description
1 polymer 'methoxy mycolic acid synthase 4'
2 water water
#
_entity_poly.entity_id   1
_entity_poly.type   'polypeptide(L)'
_entity_poly.pdbx_seq_one_letter_code
;MGSSHYHHHHSSGLVPRGSHMAEKPISPTKTRTRFEDIQAHYDVSDDFFALFQDPTRTYSCAYFEPPELTLEEAQYAKVD
LNLDKLDLKPGMTLLDIGCGWGTTMRRAVERFDVNVIGLTLSKNQHARCEQVLASIDTNRSRQVLLQGWEDFAEPVDRIV
SIEAFEHFGHENYDDFFKRCFNIMPADGRMTVQSSVSYHPYEMAARGKKLSFETARFIKFIVTEIFPGGRLPSTEMMVEH
GEKAGFTVPEPLSLRPHYIKTLRIWGDTLQSNKDKAIEVTSEEVYNRYMKYLRGCEHYFTDEMLDCSLVTYLKPGAAA
;
_entity_poly.pdbx_strand_id   A
#
# COMPACT_ATOMS: atom_id res chain seq x y z
N GLN A 39 -18.42 -6.53 -10.82
CA GLN A 39 -17.09 -6.23 -10.15
C GLN A 39 -16.02 -7.25 -10.57
N ALA A 40 -16.40 -8.53 -10.59
CA ALA A 40 -15.44 -9.60 -10.89
C ALA A 40 -15.17 -9.67 -12.39
N HIS A 41 -15.77 -8.72 -13.11
CA HIS A 41 -15.46 -8.41 -14.50
C HIS A 41 -14.11 -7.69 -14.55
N TYR A 42 -13.74 -7.06 -13.43
CA TYR A 42 -12.56 -6.21 -13.38
C TYR A 42 -11.31 -6.94 -12.86
N ASP A 43 -11.42 -8.27 -12.62
CA ASP A 43 -10.27 -9.07 -12.18
C ASP A 43 -9.35 -9.15 -13.35
N VAL A 44 -8.07 -8.94 -13.07
CA VAL A 44 -7.04 -9.06 -14.08
C VAL A 44 -6.01 -10.07 -13.58
N SER A 45 -5.49 -10.90 -14.47
CA SER A 45 -4.54 -11.92 -14.04
C SER A 45 -3.21 -11.28 -13.63
N ASP A 46 -2.51 -11.98 -12.72
CA ASP A 46 -1.20 -11.56 -12.25
C ASP A 46 -0.22 -11.34 -13.43
N ASP A 47 -0.37 -12.08 -14.50
CA ASP A 47 0.54 -11.90 -15.64
C ASP A 47 0.43 -10.51 -16.31
N PHE A 48 -0.71 -9.84 -16.14
CA PHE A 48 -0.83 -8.52 -16.78
C PHE A 48 0.00 -7.52 -15.97
N PHE A 49 -0.24 -7.51 -14.67
CA PHE A 49 0.51 -6.63 -13.77
C PHE A 49 1.99 -6.78 -13.98
N ALA A 50 2.44 -8.02 -14.22
CA ALA A 50 3.86 -8.32 -14.48
C ALA A 50 4.44 -7.53 -15.65
N LEU A 51 3.56 -7.10 -16.57
CA LEU A 51 3.98 -6.36 -17.75
C LEU A 51 4.14 -4.87 -17.50
N PHE A 52 3.85 -4.41 -16.27
CA PHE A 52 4.13 -3.01 -15.95
C PHE A 52 4.96 -2.75 -14.70
N GLN A 53 4.97 -3.71 -13.78
CA GLN A 53 5.61 -3.56 -12.47
C GLN A 53 7.07 -3.98 -12.51
N ASP A 54 7.83 -3.61 -11.48
CA ASP A 54 9.23 -4.04 -11.37
C ASP A 54 9.28 -5.53 -11.06
N PRO A 55 10.48 -6.14 -11.04
CA PRO A 55 10.55 -7.58 -10.79
C PRO A 55 9.98 -8.09 -9.46
N THR A 56 9.88 -7.23 -8.45
CA THR A 56 9.28 -7.67 -7.19
C THR A 56 7.75 -7.68 -7.23
N ARG A 57 7.19 -7.22 -8.34
CA ARG A 57 5.75 -7.17 -8.48
C ARG A 57 5.12 -6.22 -7.46
N THR A 58 5.82 -5.15 -7.09
CA THR A 58 5.28 -4.26 -6.05
C THR A 58 4.26 -3.29 -6.63
N TYR A 59 3.03 -3.31 -6.10
CA TYR A 59 1.89 -2.54 -6.68
C TYR A 59 1.60 -1.33 -5.77
N SER A 60 2.63 -0.54 -5.49
CA SER A 60 2.44 0.63 -4.65
C SER A 60 3.58 1.60 -4.95
N CYS A 61 3.43 2.81 -4.41
CA CYS A 61 4.39 3.90 -4.58
C CYS A 61 5.84 3.48 -4.22
N ALA A 62 6.77 3.67 -5.14
CA ALA A 62 8.21 3.50 -4.85
C ALA A 62 8.76 4.72 -4.14
N TYR A 63 9.98 4.63 -3.61
CA TYR A 63 10.60 5.78 -2.94
C TYR A 63 11.96 6.04 -3.55
N PHE A 64 12.03 7.07 -4.38
CA PHE A 64 13.26 7.40 -5.07
C PHE A 64 14.17 8.27 -4.24
N GLU A 65 14.78 7.67 -3.21
CA GLU A 65 15.88 8.30 -2.47
C GLU A 65 17.03 7.34 -2.37
N PRO A 66 18.16 7.66 -3.05
CA PRO A 66 18.32 8.86 -3.89
C PRO A 66 17.46 8.83 -5.16
N PRO A 67 17.29 9.98 -5.86
CA PRO A 67 16.48 10.04 -7.09
C PRO A 67 16.94 9.11 -8.23
N GLU A 68 18.21 8.71 -8.23
CA GLU A 68 18.76 7.83 -9.29
C GLU A 68 18.46 6.32 -9.13
N LEU A 69 17.66 5.94 -8.14
CA LEU A 69 17.38 4.53 -7.94
C LEU A 69 16.54 4.02 -9.09
N THR A 70 16.76 2.78 -9.48
CA THR A 70 15.85 2.16 -10.44
C THR A 70 14.52 1.92 -9.70
N LEU A 71 13.44 1.67 -10.46
CA LEU A 71 12.14 1.34 -9.89
C LEU A 71 12.25 0.20 -8.89
N GLU A 72 12.97 -0.87 -9.24
CA GLU A 72 13.14 -2.00 -8.30
C GLU A 72 13.85 -1.58 -6.99
N GLU A 73 14.96 -0.86 -7.11
CA GLU A 73 15.70 -0.40 -5.92
C GLU A 73 14.79 0.55 -5.12
N ALA A 74 14.03 1.40 -5.81
CA ALA A 74 13.16 2.33 -5.14
C ALA A 74 12.00 1.61 -4.40
N GLN A 75 11.66 0.40 -4.82
CA GLN A 75 10.61 -0.35 -4.18
C GLN A 75 11.16 -0.92 -2.89
N TYR A 76 12.42 -1.36 -2.91
CA TYR A 76 13.07 -1.77 -1.64
C TYR A 76 13.26 -0.59 -0.71
N ALA A 77 13.72 0.54 -1.25
CA ALA A 77 13.78 1.81 -0.48
C ALA A 77 12.42 2.22 0.19
N LYS A 78 11.28 2.05 -0.49
CA LYS A 78 9.97 2.29 0.13
C LYS A 78 9.68 1.28 1.27
N VAL A 79 10.02 -0.01 1.07
CA VAL A 79 9.89 -0.99 2.16
C VAL A 79 10.72 -0.55 3.40
N ASP A 80 11.95 -0.14 3.20
CA ASP A 80 12.83 0.33 4.26
C ASP A 80 12.27 1.60 4.92
N LEU A 81 11.72 2.51 4.12
CA LEU A 81 11.19 3.74 4.68
C LEU A 81 10.10 3.39 5.68
N ASN A 82 9.21 2.47 5.31
CA ASN A 82 8.16 2.03 6.24
C ASN A 82 8.74 1.29 7.47
N LEU A 83 9.57 0.28 7.26
CA LEU A 83 10.09 -0.49 8.40
C LEU A 83 10.93 0.35 9.39
N ASP A 84 11.68 1.32 8.87
CA ASP A 84 12.61 2.11 9.69
C ASP A 84 11.81 3.03 10.69
N LYS A 85 10.53 3.22 10.40
CA LYS A 85 9.64 3.98 11.28
C LYS A 85 9.13 3.18 12.48
N LEU A 86 9.33 1.86 12.50
CA LEU A 86 8.53 0.98 13.34
C LEU A 86 9.23 0.57 14.63
N ASP A 87 10.45 1.09 14.86
CA ASP A 87 11.17 0.73 16.11
C ASP A 87 11.19 -0.80 16.35
N LEU A 88 11.60 -1.56 15.33
CA LEU A 88 11.56 -3.01 15.36
C LEU A 88 12.82 -3.61 16.00
N LYS A 89 12.69 -4.59 16.89
CA LYS A 89 13.88 -5.13 17.61
C LYS A 89 13.83 -6.64 17.48
N PRO A 90 14.99 -7.31 17.54
CA PRO A 90 14.98 -8.74 17.28
C PRO A 90 14.00 -9.48 18.18
N GLY A 91 13.30 -10.45 17.62
CA GLY A 91 12.39 -11.27 18.45
C GLY A 91 10.96 -10.72 18.52
N MET A 92 10.77 -9.48 18.08
CA MET A 92 9.42 -8.90 18.01
C MET A 92 8.66 -9.60 16.88
N THR A 93 7.35 -9.42 16.86
CA THR A 93 6.56 -9.94 15.76
C THR A 93 5.97 -8.78 15.00
N LEU A 94 6.24 -8.77 13.71
CA LEU A 94 5.66 -7.80 12.79
C LEU A 94 4.46 -8.36 12.07
N LEU A 95 3.37 -7.62 12.11
CA LEU A 95 2.21 -7.95 11.28
C LEU A 95 2.19 -7.13 9.99
N ASP A 96 2.04 -7.81 8.85
CA ASP A 96 1.93 -7.09 7.57
C ASP A 96 0.52 -7.27 7.04
N ILE A 97 -0.28 -6.17 7.04
CA ILE A 97 -1.67 -6.27 6.61
C ILE A 97 -1.70 -5.93 5.10
N GLY A 98 -1.99 -6.93 4.26
CA GLY A 98 -1.95 -6.82 2.78
C GLY A 98 -0.54 -7.13 2.41
N CYS A 99 -0.06 -8.33 2.69
CA CYS A 99 1.37 -8.61 2.59
C CYS A 99 1.91 -8.84 1.18
N GLY A 100 1.04 -8.73 0.18
CA GLY A 100 1.45 -8.70 -1.25
C GLY A 100 2.16 -10.00 -1.57
N TRP A 101 3.33 -9.89 -2.19
CA TRP A 101 4.10 -11.04 -2.65
C TRP A 101 5.21 -11.32 -1.63
N GLY A 102 5.15 -10.65 -0.49
CA GLY A 102 5.97 -11.05 0.66
C GLY A 102 7.29 -10.33 0.79
N THR A 103 7.57 -9.35 -0.07
CA THR A 103 8.82 -8.60 -0.07
C THR A 103 9.06 -7.85 1.26
N THR A 104 8.04 -7.20 1.75
CA THR A 104 8.19 -6.47 3.01
C THR A 104 8.53 -7.40 4.17
N MET A 105 7.82 -8.51 4.27
CA MET A 105 8.05 -9.45 5.36
C MET A 105 9.46 -10.03 5.28
N ARG A 106 9.88 -10.43 4.09
CA ARG A 106 11.24 -10.96 3.94
C ARG A 106 12.27 -9.91 4.41
N ARG A 107 12.13 -8.65 3.96
CA ARG A 107 13.05 -7.56 4.31
C ARG A 107 13.11 -7.35 5.82
N ALA A 108 11.95 -7.40 6.49
CA ALA A 108 11.85 -7.30 7.93
C ALA A 108 12.61 -8.43 8.62
N VAL A 109 12.40 -9.68 8.18
CA VAL A 109 13.10 -10.79 8.84
C VAL A 109 14.60 -10.56 8.69
N GLU A 110 15.03 -10.29 7.47
CA GLU A 110 16.47 -10.25 7.16
C GLU A 110 17.15 -9.07 7.88
N ARG A 111 16.48 -7.90 7.86
CA ARG A 111 17.06 -6.68 8.37
C ARG A 111 16.91 -6.58 9.88
N PHE A 112 15.82 -7.11 10.44
CA PHE A 112 15.50 -6.82 11.85
C PHE A 112 15.45 -8.01 12.78
N ASP A 113 15.61 -9.21 12.18
CA ASP A 113 15.61 -10.44 12.98
C ASP A 113 14.32 -10.59 13.78
N VAL A 114 13.18 -10.33 13.12
CA VAL A 114 11.86 -10.46 13.70
C VAL A 114 11.07 -11.65 13.14
N ASN A 115 10.08 -12.11 13.91
CA ASN A 115 9.04 -12.97 13.42
C ASN A 115 8.05 -12.14 12.59
N VAL A 116 7.33 -12.77 11.65
CA VAL A 116 6.40 -12.06 10.81
C VAL A 116 5.12 -12.84 10.69
N ILE A 117 4.03 -12.08 10.58
CA ILE A 117 2.73 -12.64 10.20
C ILE A 117 2.21 -11.72 9.11
N GLY A 118 1.78 -12.33 7.99
CA GLY A 118 1.21 -11.55 6.89
C GLY A 118 -0.25 -11.96 6.67
N LEU A 119 -1.07 -10.99 6.29
CA LEU A 119 -2.44 -11.28 5.92
C LEU A 119 -2.55 -10.94 4.45
N THR A 120 -3.12 -11.85 3.67
CA THR A 120 -3.50 -11.48 2.29
C THR A 120 -4.84 -12.19 1.95
N LEU A 121 -5.61 -11.62 1.03
CA LEU A 121 -6.83 -12.22 0.53
C LEU A 121 -6.62 -12.95 -0.80
N SER A 122 -5.42 -12.82 -1.37
CA SER A 122 -4.99 -13.56 -2.60
C SER A 122 -4.39 -14.93 -2.36
N LYS A 123 -4.98 -15.99 -2.93
CA LYS A 123 -4.43 -17.31 -2.75
C LYS A 123 -3.05 -17.44 -3.43
N ASN A 124 -2.91 -16.84 -4.61
CA ASN A 124 -1.61 -16.81 -5.33
C ASN A 124 -0.55 -16.12 -4.46
N GLN A 125 -0.92 -14.99 -3.87
CA GLN A 125 0.00 -14.26 -2.98
C GLN A 125 0.37 -15.07 -1.75
N HIS A 126 -0.61 -15.75 -1.18
CA HIS A 126 -0.44 -16.58 0.02
C HIS A 126 0.59 -17.68 -0.32
N ALA A 127 0.37 -18.37 -1.44
CA ALA A 127 1.26 -19.43 -1.82
C ALA A 127 2.69 -18.91 -2.04
N ARG A 128 2.81 -17.78 -2.71
CA ARG A 128 4.13 -17.23 -2.94
C ARG A 128 4.82 -16.79 -1.64
N CYS A 129 4.04 -16.18 -0.75
CA CYS A 129 4.60 -15.68 0.50
C CYS A 129 5.14 -16.80 1.30
N GLU A 130 4.43 -17.94 1.28
CA GLU A 130 4.89 -19.06 2.11
C GLU A 130 6.22 -19.54 1.64
N GLN A 131 6.40 -19.50 0.31
CA GLN A 131 7.66 -20.01 -0.26
C GLN A 131 8.77 -19.00 -0.09
N VAL A 132 8.43 -17.73 -0.36
CA VAL A 132 9.34 -16.64 -0.04
C VAL A 132 9.82 -16.80 1.39
N LEU A 133 8.92 -17.00 2.36
CA LEU A 133 9.38 -17.03 3.75
C LEU A 133 10.06 -18.34 4.12
N ALA A 134 9.62 -19.46 3.52
CA ALA A 134 10.33 -20.72 3.83
C ALA A 134 11.76 -20.60 3.31
N SER A 135 11.92 -19.82 2.23
CA SER A 135 13.24 -19.68 1.55
C SER A 135 14.31 -19.05 2.44
N ILE A 136 13.86 -18.28 3.44
CA ILE A 136 14.72 -17.52 4.34
C ILE A 136 15.47 -18.37 5.34
N ASP A 137 16.78 -18.19 5.39
CA ASP A 137 17.56 -18.90 6.39
C ASP A 137 17.45 -18.23 7.75
N THR A 138 16.46 -18.66 8.55
CA THR A 138 16.18 -18.06 9.86
C THR A 138 15.55 -19.03 10.85
N ASN A 139 15.71 -18.79 12.15
CA ASN A 139 14.92 -19.53 13.16
C ASN A 139 13.57 -18.84 13.49
N ARG A 140 13.37 -17.67 12.93
CA ARG A 140 12.21 -16.84 13.27
C ARG A 140 10.92 -17.44 12.76
N SER A 141 9.85 -17.17 13.48
CA SER A 141 8.58 -17.67 13.05
C SER A 141 8.03 -16.82 11.88
N ARG A 142 7.44 -17.48 10.90
CA ARG A 142 6.93 -16.82 9.71
C ARG A 142 5.61 -17.47 9.34
N GLN A 143 4.56 -16.69 9.14
CA GLN A 143 3.24 -17.27 8.94
C GLN A 143 2.49 -16.36 7.96
N VAL A 144 1.76 -16.94 7.01
CA VAL A 144 0.94 -16.09 6.19
C VAL A 144 -0.46 -16.66 6.24
N LEU A 145 -1.44 -15.77 6.39
CA LEU A 145 -2.84 -16.21 6.59
C LEU A 145 -3.61 -15.65 5.45
N LEU A 146 -4.42 -16.50 4.87
CA LEU A 146 -5.40 -16.11 3.88
C LEU A 146 -6.65 -15.54 4.59
N GLN A 147 -6.66 -14.22 4.84
CA GLN A 147 -7.76 -13.60 5.60
C GLN A 147 -7.58 -12.12 5.73
N GLY A 148 -8.63 -11.42 6.15
CA GLY A 148 -8.62 -9.99 6.36
C GLY A 148 -8.24 -9.66 7.80
N TRP A 149 -8.04 -8.37 8.11
CA TRP A 149 -7.64 -8.00 9.47
C TRP A 149 -8.82 -8.22 10.43
N GLU A 150 -10.06 -8.21 9.91
CA GLU A 150 -11.26 -8.34 10.78
C GLU A 150 -11.20 -9.64 11.61
N ASP A 151 -10.63 -10.67 10.98
CA ASP A 151 -10.45 -12.01 11.50
C ASP A 151 -9.12 -12.24 12.20
N PHE A 152 -8.37 -11.14 12.44
CA PHE A 152 -7.09 -11.20 13.11
C PHE A 152 -7.08 -10.59 14.51
N ALA A 153 -6.70 -11.40 15.49
CA ALA A 153 -6.77 -10.99 16.89
C ALA A 153 -5.61 -11.62 17.66
N GLU A 154 -4.41 -11.63 17.13
CA GLU A 154 -3.30 -12.25 17.86
C GLU A 154 -2.39 -11.08 18.25
N PRO A 155 -1.77 -11.11 19.44
CA PRO A 155 -0.86 -10.03 19.84
C PRO A 155 0.29 -9.89 18.86
N VAL A 156 0.63 -8.67 18.46
CA VAL A 156 1.84 -8.51 17.62
C VAL A 156 2.50 -7.26 18.15
N ASP A 157 3.76 -7.01 17.81
CA ASP A 157 4.47 -5.83 18.33
C ASP A 157 4.32 -4.60 17.49
N ARG A 158 4.30 -4.76 16.15
CA ARG A 158 4.26 -3.61 15.22
C ARG A 158 3.46 -3.99 14.02
N ILE A 159 2.97 -2.99 13.29
CA ILE A 159 2.14 -3.33 12.13
C ILE A 159 2.58 -2.47 10.93
N VAL A 160 2.66 -3.08 9.76
CA VAL A 160 2.89 -2.26 8.57
C VAL A 160 1.75 -2.59 7.61
N SER A 161 1.26 -1.59 6.88
CA SER A 161 0.24 -1.88 5.89
C SER A 161 0.47 -0.96 4.64
N ILE A 162 0.86 -1.53 3.51
CA ILE A 162 1.29 -0.67 2.38
C ILE A 162 0.26 -0.74 1.29
N GLU A 163 -0.55 0.31 1.09
CA GLU A 163 -1.55 0.38 0.03
C GLU A 163 -2.45 -0.89 -0.06
N ALA A 164 -3.00 -1.33 1.07
CA ALA A 164 -3.67 -2.64 1.09
C ALA A 164 -5.12 -2.37 0.70
N PHE A 165 -5.33 -2.19 -0.62
CA PHE A 165 -6.63 -1.74 -1.16
C PHE A 165 -7.76 -2.77 -0.88
N GLU A 166 -7.40 -4.05 -0.84
CA GLU A 166 -8.38 -5.12 -0.58
C GLU A 166 -8.69 -5.25 0.93
N HIS A 167 -7.87 -4.61 1.79
CA HIS A 167 -8.11 -4.62 3.25
C HIS A 167 -8.60 -3.26 3.77
N GLU A 171 -16.28 3.30 6.81
CA GLU A 171 -17.22 2.18 7.00
C GLU A 171 -16.71 1.33 8.16
N ASN A 172 -15.50 0.80 7.95
CA ASN A 172 -14.81 -0.05 8.89
C ASN A 172 -13.62 0.63 9.58
N TYR A 173 -13.43 1.95 9.40
CA TYR A 173 -12.17 2.58 9.83
C TYR A 173 -11.97 2.62 11.33
N ASP A 174 -13.02 2.95 12.06
CA ASP A 174 -12.97 2.91 13.50
C ASP A 174 -12.60 1.51 14.00
N ASP A 175 -13.20 0.48 13.42
CA ASP A 175 -12.89 -0.87 13.86
C ASP A 175 -11.42 -1.26 13.52
N PHE A 176 -10.92 -0.81 12.35
CA PHE A 176 -9.55 -1.15 11.94
C PHE A 176 -8.56 -0.62 12.98
N PHE A 177 -8.67 0.69 13.27
CA PHE A 177 -7.69 1.32 14.16
C PHE A 177 -7.86 0.81 15.61
N LYS A 178 -9.08 0.55 16.04
CA LYS A 178 -9.28 -0.08 17.36
C LYS A 178 -8.58 -1.43 17.44
N ARG A 179 -8.76 -2.25 16.42
CA ARG A 179 -8.13 -3.56 16.37
C ARG A 179 -6.61 -3.38 16.41
N CYS A 180 -6.07 -2.51 15.57
CA CYS A 180 -4.61 -2.36 15.52
C CYS A 180 -4.08 -1.89 16.88
N PHE A 181 -4.79 -0.97 17.51
CA PHE A 181 -4.37 -0.48 18.84
C PHE A 181 -4.35 -1.61 19.85
N ASN A 182 -5.40 -2.44 19.82
CA ASN A 182 -5.66 -3.40 20.90
C ASN A 182 -4.74 -4.62 20.84
N ILE A 183 -4.26 -4.95 19.65
CA ILE A 183 -3.39 -6.12 19.48
C ILE A 183 -1.89 -5.80 19.69
N MET A 184 -1.56 -4.53 19.83
CA MET A 184 -0.18 -4.12 20.08
C MET A 184 0.15 -3.87 21.53
N PRO A 185 1.45 -3.97 21.91
CA PRO A 185 1.82 -3.73 23.30
C PRO A 185 1.83 -2.22 23.53
N ALA A 186 2.21 -1.82 24.71
CA ALA A 186 2.31 -0.42 25.14
C ALA A 186 3.18 0.45 24.26
N ASP A 187 4.29 -0.11 23.75
CA ASP A 187 5.20 0.66 22.84
C ASP A 187 4.91 0.42 21.32
N GLY A 188 3.72 -0.07 21.00
CA GLY A 188 3.37 -0.43 19.61
C GLY A 188 3.45 0.74 18.65
N ARG A 189 3.76 0.42 17.39
CA ARG A 189 3.68 1.42 16.32
C ARG A 189 3.17 0.78 15.06
N MET A 190 2.55 1.57 14.22
CA MET A 190 2.02 1.07 12.96
C MET A 190 2.30 2.08 11.89
N THR A 191 2.57 1.64 10.66
CA THR A 191 2.49 2.58 9.55
C THR A 191 1.47 2.12 8.55
N VAL A 192 0.75 3.09 7.96
CA VAL A 192 -0.16 2.76 6.89
C VAL A 192 0.19 3.69 5.75
N GLN A 193 0.52 3.12 4.58
CA GLN A 193 0.73 3.94 3.39
C GLN A 193 -0.52 3.82 2.51
N SER A 194 -1.10 4.93 2.10
CA SER A 194 -2.33 4.79 1.29
C SER A 194 -2.38 5.93 0.29
N SER A 195 -2.92 5.67 -0.91
CA SER A 195 -3.32 6.74 -1.79
C SER A 195 -4.49 7.40 -1.10
N VAL A 196 -4.58 8.73 -1.25
CA VAL A 196 -5.68 9.44 -0.69
C VAL A 196 -6.29 10.50 -1.65
N SER A 197 -7.52 10.90 -1.32
CA SER A 197 -8.28 11.93 -1.99
C SER A 197 -8.46 13.03 -0.98
N TYR A 198 -9.01 14.14 -1.46
CA TYR A 198 -9.32 15.24 -0.59
C TYR A 198 -10.84 15.29 -0.40
N HIS A 199 -11.31 15.80 0.74
CA HIS A 199 -12.74 15.97 0.92
C HIS A 199 -13.28 16.90 -0.20
N PRO A 200 -14.54 16.71 -0.64
CA PRO A 200 -15.11 17.61 -1.68
C PRO A 200 -14.93 19.09 -1.34
N TYR A 201 -15.05 19.44 -0.07
CA TYR A 201 -14.83 20.84 0.36
C TYR A 201 -13.44 21.38 -0.06
N GLU A 202 -12.39 20.65 0.33
CA GLU A 202 -11.01 20.92 -0.09
C GLU A 202 -10.84 20.93 -1.60
N MET A 203 -11.52 20.02 -2.28
CA MET A 203 -11.43 19.97 -3.74
C MET A 203 -12.02 21.20 -4.43
N ALA A 204 -13.19 21.65 -3.97
CA ALA A 204 -13.81 22.90 -4.43
C ALA A 204 -12.90 24.14 -4.36
N ALA A 205 -11.98 24.19 -3.40
CA ALA A 205 -11.09 25.37 -3.26
C ALA A 205 -10.13 25.56 -4.46
N ARG A 206 -9.76 24.46 -5.13
CA ARG A 206 -9.01 24.49 -6.42
C ARG A 206 -9.94 24.84 -7.65
N GLY A 207 -11.20 25.10 -7.35
CA GLY A 207 -12.16 25.44 -8.42
C GLY A 207 -13.02 24.24 -8.76
N LYS A 208 -14.25 24.54 -9.03
CA LYS A 208 -15.21 23.54 -9.38
C LYS A 208 -14.83 22.65 -10.58
N LYS A 209 -14.32 23.21 -11.68
CA LYS A 209 -14.09 22.43 -12.93
C LYS A 209 -13.27 21.22 -12.58
N LEU A 210 -12.16 21.46 -11.88
CA LEU A 210 -11.21 20.42 -11.60
C LEU A 210 -11.72 19.49 -10.48
N SER A 211 -12.54 20.00 -9.53
CA SER A 211 -13.07 19.13 -8.49
C SER A 211 -14.05 18.11 -9.03
N PHE A 212 -14.94 18.49 -9.97
CA PHE A 212 -15.86 17.48 -10.55
C PHE A 212 -15.13 16.42 -11.41
N GLU A 213 -14.12 16.90 -12.13
CA GLU A 213 -13.29 16.07 -12.97
C GLU A 213 -12.56 15.05 -12.12
N THR A 214 -12.00 15.50 -10.99
CA THR A 214 -11.25 14.61 -10.10
C THR A 214 -12.18 13.59 -9.42
N ALA A 215 -13.34 14.02 -8.91
CA ALA A 215 -14.35 13.08 -8.38
C ALA A 215 -14.78 11.99 -9.38
N ARG A 216 -15.04 12.35 -10.63
CA ARG A 216 -15.28 11.34 -11.65
C ARG A 216 -14.14 10.34 -11.81
N PHE A 217 -12.92 10.83 -11.76
CA PHE A 217 -11.78 9.94 -12.01
C PHE A 217 -11.60 9.01 -10.80
N ILE A 218 -11.86 9.53 -9.60
CA ILE A 218 -11.79 8.69 -8.37
C ILE A 218 -12.84 7.59 -8.45
N LYS A 219 -14.02 7.97 -8.94
CA LYS A 219 -15.10 7.02 -9.15
C LYS A 219 -14.64 5.92 -10.12
N PHE A 220 -13.90 6.31 -11.15
CA PHE A 220 -13.32 5.32 -12.07
C PHE A 220 -12.32 4.37 -11.35
N ILE A 221 -11.40 4.91 -10.57
CA ILE A 221 -10.43 4.05 -9.83
C ILE A 221 -11.17 2.97 -9.01
N VAL A 222 -12.18 3.43 -8.31
CA VAL A 222 -12.91 2.68 -7.34
C VAL A 222 -14.00 1.81 -7.95
N THR A 223 -14.14 1.87 -9.29
CA THR A 223 -15.10 1.04 -10.00
C THR A 223 -14.40 -0.03 -10.82
N GLU A 224 -13.35 0.37 -11.54
CA GLU A 224 -12.72 -0.43 -12.60
C GLU A 224 -11.33 -0.93 -12.25
N ILE A 225 -10.66 -0.29 -11.30
CA ILE A 225 -9.25 -0.61 -10.97
C ILE A 225 -9.21 -1.30 -9.60
N PHE A 226 -9.82 -0.67 -8.60
CA PHE A 226 -10.10 -1.25 -7.28
C PHE A 226 -11.60 -1.36 -6.98
N PRO A 227 -12.29 -2.32 -7.63
CA PRO A 227 -13.75 -2.31 -7.49
C PRO A 227 -14.17 -2.43 -6.02
N GLY A 228 -15.14 -1.63 -5.63
CA GLY A 228 -15.57 -1.57 -4.25
C GLY A 228 -14.56 -0.91 -3.33
N GLY A 229 -13.41 -0.48 -3.85
CA GLY A 229 -12.44 0.32 -3.09
C GLY A 229 -12.99 1.66 -2.58
N ARG A 230 -12.20 2.34 -1.76
CA ARG A 230 -12.47 3.73 -1.39
C ARG A 230 -11.13 4.40 -1.15
N LEU A 231 -11.02 5.67 -1.51
CA LEU A 231 -9.80 6.39 -1.22
C LEU A 231 -10.16 7.30 -0.07
N PRO A 232 -9.60 7.04 1.12
CA PRO A 232 -9.83 7.91 2.27
C PRO A 232 -9.07 9.20 2.00
N SER A 233 -9.26 10.20 2.85
CA SER A 233 -8.43 11.37 2.82
C SER A 233 -7.39 11.20 3.89
N THR A 234 -6.33 12.03 3.83
CA THR A 234 -5.33 11.98 4.89
C THR A 234 -5.96 12.31 6.23
N GLU A 235 -6.81 13.32 6.23
CA GLU A 235 -7.42 13.76 7.49
C GLU A 235 -8.20 12.62 8.15
N MET A 236 -8.94 11.83 7.36
CA MET A 236 -9.61 10.57 7.85
C MET A 236 -8.64 9.59 8.47
N MET A 237 -7.61 9.23 7.70
CA MET A 237 -6.52 8.41 8.23
C MET A 237 -5.98 8.91 9.59
N VAL A 238 -5.76 10.22 9.71
CA VAL A 238 -5.16 10.75 10.95
C VAL A 238 -6.21 10.71 12.05
N GLU A 239 -7.41 11.16 11.77
CA GLU A 239 -8.36 11.38 12.86
C GLU A 239 -8.95 10.05 13.32
N HIS A 240 -9.11 9.07 12.43
CA HIS A 240 -9.47 7.72 12.93
C HIS A 240 -8.39 7.13 13.84
N GLY A 241 -7.13 7.37 13.48
CA GLY A 241 -6.07 6.87 14.33
C GLY A 241 -6.17 7.55 15.66
N GLU A 242 -6.43 8.86 15.69
CA GLU A 242 -6.44 9.55 16.99
C GLU A 242 -7.58 9.07 17.87
N LYS A 243 -8.74 8.87 17.24
CA LYS A 243 -9.92 8.47 18.01
C LYS A 243 -9.63 7.13 18.70
N ALA A 244 -8.78 6.32 18.08
CA ALA A 244 -8.41 5.03 18.64
C ALA A 244 -7.39 5.11 19.79
N GLY A 245 -6.78 6.27 19.96
CA GLY A 245 -5.82 6.54 21.08
C GLY A 245 -4.39 6.74 20.58
N PHE A 246 -4.18 6.68 19.26
CA PHE A 246 -2.79 6.78 18.76
C PHE A 246 -2.35 8.27 18.70
N THR A 247 -1.06 8.51 18.94
CA THR A 247 -0.35 9.76 18.54
C THR A 247 -0.04 9.71 17.03
N VAL A 248 -0.35 10.79 16.31
CA VAL A 248 -0.16 10.73 14.88
C VAL A 248 0.68 11.95 14.49
N PRO A 249 2.00 11.76 14.21
CA PRO A 249 2.80 12.91 13.76
C PRO A 249 2.37 13.31 12.36
N GLU A 250 2.98 14.32 11.78
CA GLU A 250 2.55 14.78 10.45
C GLU A 250 2.84 13.71 9.41
N PRO A 251 1.81 13.30 8.67
CA PRO A 251 1.97 12.27 7.61
C PRO A 251 3.03 12.66 6.57
N LEU A 252 3.75 11.69 6.03
CA LEU A 252 4.69 11.97 4.95
C LEU A 252 3.93 11.89 3.63
N SER A 253 4.01 12.93 2.83
CA SER A 253 3.48 12.89 1.48
C SER A 253 4.47 12.22 0.57
N LEU A 254 4.00 11.27 -0.24
CA LEU A 254 4.85 10.58 -1.23
C LEU A 254 4.54 11.03 -2.66
N ARG A 255 3.79 12.11 -2.80
CA ARG A 255 3.29 12.52 -4.09
C ARG A 255 4.34 12.50 -5.23
N PRO A 256 5.52 13.14 -5.06
CA PRO A 256 6.41 13.16 -6.23
C PRO A 256 7.01 11.77 -6.55
N HIS A 257 7.11 10.91 -5.52
CA HIS A 257 7.57 9.60 -5.76
C HIS A 257 6.53 8.83 -6.56
N TYR A 258 5.25 9.17 -6.36
CA TYR A 258 4.18 8.41 -7.04
C TYR A 258 4.12 8.85 -8.49
N ILE A 259 4.31 10.14 -8.73
CA ILE A 259 4.42 10.67 -10.10
C ILE A 259 5.47 9.86 -10.85
N LYS A 260 6.68 9.76 -10.31
CA LYS A 260 7.74 8.91 -10.94
C LYS A 260 7.36 7.45 -11.12
N THR A 261 6.82 6.82 -10.08
CA THR A 261 6.39 5.41 -10.18
C THR A 261 5.40 5.28 -11.33
N LEU A 262 4.45 6.18 -11.37
CA LEU A 262 3.34 6.05 -12.32
C LEU A 262 3.86 6.29 -13.72
N ARG A 263 4.87 7.15 -13.85
CA ARG A 263 5.44 7.45 -15.17
C ARG A 263 6.13 6.21 -15.72
N ILE A 264 6.95 5.59 -14.88
CA ILE A 264 7.66 4.34 -15.22
C ILE A 264 6.71 3.18 -15.53
N TRP A 265 5.75 2.94 -14.64
CA TRP A 265 4.66 1.99 -14.90
C TRP A 265 3.95 2.21 -16.23
N GLY A 266 3.56 3.47 -16.49
CA GLY A 266 2.88 3.83 -17.72
C GLY A 266 3.75 3.58 -18.95
N ASP A 267 4.97 4.11 -18.98
CA ASP A 267 5.88 3.90 -20.12
C ASP A 267 6.17 2.41 -20.32
N THR A 268 6.23 1.67 -19.22
CA THR A 268 6.48 0.21 -19.28
C THR A 268 5.30 -0.56 -19.84
N LEU A 269 4.08 -0.32 -19.33
CA LEU A 269 2.89 -0.96 -19.88
C LEU A 269 2.79 -0.66 -21.39
N GLN A 270 2.97 0.61 -21.76
CA GLN A 270 2.97 1.04 -23.17
C GLN A 270 3.99 0.25 -24.01
N SER A 271 5.24 0.23 -23.55
CA SER A 271 6.29 -0.58 -24.14
C SER A 271 5.88 -2.05 -24.37
N ASN A 272 4.97 -2.56 -23.52
CA ASN A 272 4.41 -3.92 -23.68
C ASN A 272 2.97 -4.00 -24.26
N LYS A 273 2.50 -2.97 -24.96
CA LYS A 273 1.10 -2.96 -25.46
C LYS A 273 0.59 -4.29 -26.05
N ASP A 274 1.24 -4.76 -27.11
CA ASP A 274 0.84 -5.99 -27.79
C ASP A 274 0.84 -7.18 -26.88
N LYS A 275 1.93 -7.36 -26.14
CA LYS A 275 2.02 -8.46 -25.22
C LYS A 275 0.93 -8.41 -24.14
N ALA A 276 0.61 -7.19 -23.65
CA ALA A 276 -0.47 -6.98 -22.66
C ALA A 276 -1.84 -7.30 -23.27
N ILE A 277 -2.04 -6.81 -24.50
CA ILE A 277 -3.32 -6.94 -25.17
C ILE A 277 -3.60 -8.43 -25.40
N GLU A 278 -2.59 -9.15 -25.93
CA GLU A 278 -2.66 -10.59 -26.11
C GLU A 278 -3.00 -11.34 -24.82
N VAL A 279 -2.55 -10.82 -23.68
CA VAL A 279 -2.74 -11.50 -22.40
C VAL A 279 -4.11 -11.23 -21.74
N THR A 280 -4.71 -10.08 -22.06
CA THR A 280 -6.03 -9.74 -21.56
C THR A 280 -6.91 -9.33 -22.75
N SER A 281 -6.95 -8.03 -23.03
CA SER A 281 -7.66 -7.47 -24.17
C SER A 281 -7.20 -6.03 -24.34
N GLU A 282 -7.59 -5.38 -25.44
CA GLU A 282 -7.33 -3.95 -25.63
C GLU A 282 -8.10 -3.14 -24.61
N GLU A 283 -9.31 -3.62 -24.27
CA GLU A 283 -10.13 -3.04 -23.23
C GLU A 283 -9.33 -2.89 -21.90
N VAL A 284 -8.71 -3.98 -21.44
CA VAL A 284 -7.94 -3.98 -20.17
C VAL A 284 -6.68 -3.11 -20.24
N TYR A 285 -6.01 -3.18 -21.38
CA TYR A 285 -4.87 -2.30 -21.66
C TYR A 285 -5.24 -0.80 -21.59
N ASN A 286 -6.33 -0.41 -22.27
CA ASN A 286 -6.76 0.98 -22.26
C ASN A 286 -7.13 1.43 -20.87
N ARG A 287 -7.82 0.57 -20.14
CA ARG A 287 -8.24 0.87 -18.79
C ARG A 287 -7.00 1.19 -17.92
N TYR A 288 -5.97 0.37 -18.03
CA TYR A 288 -4.80 0.54 -17.17
C TYR A 288 -3.93 1.75 -17.60
N MET A 289 -3.86 2.03 -18.92
CA MET A 289 -3.22 3.27 -19.39
C MET A 289 -3.96 4.51 -18.88
N LYS A 290 -5.28 4.49 -18.96
CA LYS A 290 -6.09 5.57 -18.39
C LYS A 290 -5.78 5.72 -16.90
N TYR A 291 -5.79 4.61 -16.18
CA TYR A 291 -5.48 4.65 -14.74
C TYR A 291 -4.10 5.27 -14.46
N LEU A 292 -3.08 4.66 -15.06
CA LEU A 292 -1.66 5.03 -14.85
C LEU A 292 -1.39 6.47 -15.26
N ARG A 293 -1.74 6.82 -16.51
CA ARG A 293 -1.59 8.22 -16.97
C ARG A 293 -2.45 9.22 -16.20
N GLY A 294 -3.69 8.82 -15.87
CA GLY A 294 -4.62 9.73 -15.18
C GLY A 294 -4.13 10.00 -13.77
N CYS A 295 -3.72 8.95 -13.06
CA CYS A 295 -3.15 9.18 -11.73
C CYS A 295 -1.94 10.10 -11.79
N GLU A 296 -1.06 9.88 -12.78
CA GLU A 296 0.13 10.73 -12.84
C GLU A 296 -0.32 12.18 -13.01
N HIS A 297 -1.32 12.37 -13.87
CA HIS A 297 -1.89 13.69 -14.09
C HIS A 297 -2.45 14.33 -12.83
N TYR A 298 -3.36 13.68 -12.13
CA TYR A 298 -4.00 14.28 -10.94
C TYR A 298 -3.03 14.39 -9.75
N PHE A 299 -2.06 13.49 -9.64
CA PHE A 299 -1.01 13.68 -8.63
C PHE A 299 -0.24 14.95 -8.96
N THR A 300 0.19 15.10 -10.24
CA THR A 300 0.94 16.30 -10.69
C THR A 300 0.17 17.59 -10.44
N ASP A 301 -1.15 17.54 -10.65
CA ASP A 301 -2.03 18.67 -10.38
C ASP A 301 -2.40 18.84 -8.92
N GLU A 302 -1.91 17.96 -8.04
CA GLU A 302 -2.17 18.11 -6.61
C GLU A 302 -3.64 17.88 -6.23
N MET A 303 -4.33 17.04 -7.00
CA MET A 303 -5.71 16.67 -6.68
C MET A 303 -5.82 15.30 -5.98
N LEU A 304 -4.75 14.50 -6.08
CA LEU A 304 -4.56 13.27 -5.31
C LEU A 304 -3.26 13.39 -4.49
N ASP A 305 -3.10 12.55 -3.47
CA ASP A 305 -1.89 12.49 -2.66
C ASP A 305 -1.71 11.04 -2.28
N CYS A 306 -0.62 10.75 -1.59
CA CYS A 306 -0.33 9.43 -1.10
C CYS A 306 0.37 9.65 0.18
N SER A 307 -0.20 9.14 1.27
CA SER A 307 0.31 9.48 2.61
C SER A 307 0.87 8.24 3.28
N LEU A 308 2.00 8.42 3.95
CA LEU A 308 2.54 7.37 4.79
C LEU A 308 2.35 7.96 6.21
N VAL A 309 1.37 7.39 6.92
CA VAL A 309 0.95 7.87 8.24
C VAL A 309 1.53 6.91 9.27
N THR A 310 2.12 7.48 10.31
CA THR A 310 2.66 6.72 11.39
C THR A 310 1.72 6.89 12.60
N TYR A 311 1.40 5.76 13.25
CA TYR A 311 0.56 5.74 14.45
C TYR A 311 1.35 5.21 15.59
N LEU A 312 1.45 5.99 16.66
CA LEU A 312 2.24 5.60 17.87
C LEU A 312 1.34 5.38 19.10
N LYS A 313 1.49 4.27 19.83
CA LYS A 313 0.72 4.07 21.01
C LYS A 313 1.29 4.99 22.10
N PRO A 314 0.52 5.26 23.19
CA PRO A 314 1.07 6.18 24.19
C PRO A 314 2.47 5.85 24.70
N GLY A 315 2.83 4.57 24.80
CA GLY A 315 4.11 4.17 25.38
C GLY A 315 5.20 3.97 24.34
N ALA A 316 4.99 4.41 23.08
CA ALA A 316 5.99 4.18 22.00
C ALA A 316 7.35 4.79 22.40
N ALA A 317 8.49 4.15 22.06
CA ALA A 317 9.79 4.78 22.42
C ALA A 317 9.84 6.19 21.83
N ALA A 318 10.52 7.11 22.52
CA ALA A 318 10.77 8.48 22.00
C ALA A 318 11.28 8.49 20.54
#